data_8VLM
#
_entry.id   8VLM
#
_cell.length_a   54.809
_cell.length_b   112.090
_cell.length_c   116.570
_cell.angle_alpha   90.00
_cell.angle_beta   90.00
_cell.angle_gamma   90.00
#
_symmetry.space_group_name_H-M   'P 21 21 21'
#
loop_
_entity.id
_entity.type
_entity.pdbx_description
1 polymer 'Cytosine deaminase'
2 polymer 'Cytosine deaminase'
3 non-polymer 'ZINC ION'
4 non-polymer 1,2-ETHANEDIOL
5 water water
#
loop_
_entity_poly.entity_id
_entity_poly.type
_entity_poly.pdbx_seq_one_letter_code
_entity_poly.pdbx_strand_id
1 'polypeptide(L)'
;MGSAWSHPQFEKSSGLVPRGSHMVTGGMASKWDQKGMDIAYEEAALGYKEGGVPIGGCLINNKDGSVLGRGHNMRFQKGS
ATLHGVISTLENCGRLEGKVYKDTTLYTTLSPCDMCTGAIIMYGIPRCVVGENVNFKSKGEKYLQTRGHEVVVVDDERCK
KIMKQFIDERPQDWFEDIGE
;
A,C
2 'polypeptide(L)'
;MGSSHHHHHHSSGLVPRGSHMVTGGMASKWDQKGMDIAYEEAALGYKEGGVPIGGCLINNKDGSVLGRGHNMRFQKGSAT
LHGEISTLENCGRLEGKVYKDTTLYTTLSPCDMCTGAIIWYGIPRCVVGENVNFKSKGEKYLQTRGHEVVVVDDERCKKI
MKQFIDERPQDWFEDIGE
;
B,D
#
loop_
_chem_comp.id
_chem_comp.type
_chem_comp.name
_chem_comp.formula
EDO non-polymer 1,2-ETHANEDIOL 'C2 H6 O2'
ZN non-polymer 'ZINC ION' 'Zn 2'
#
# COMPACT_ATOMS: atom_id res chain seq x y z
N SER A 30 -19.39 21.57 23.00
CA SER A 30 -20.01 20.97 24.17
C SER A 30 -19.03 20.98 25.35
N LYS A 31 -19.58 20.94 26.58
CA LYS A 31 -18.76 21.17 27.76
C LYS A 31 -17.78 20.03 28.04
N TRP A 32 -18.01 18.85 27.47
CA TRP A 32 -17.13 17.73 27.71
C TRP A 32 -16.07 17.58 26.63
N ASP A 33 -16.07 18.42 25.60
CA ASP A 33 -15.18 18.20 24.47
C ASP A 33 -13.72 18.29 24.89
N GLN A 34 -13.38 19.26 25.74
CA GLN A 34 -12.03 19.38 26.24
C GLN A 34 -11.61 18.12 27.01
N LYS A 35 -12.46 17.68 27.94
CA LYS A 35 -12.17 16.47 28.70
C LYS A 35 -12.01 15.26 27.79
N GLY A 36 -12.90 15.12 26.81
CA GLY A 36 -12.89 13.94 25.96
C GLY A 36 -11.66 13.87 25.08
N MET A 37 -11.24 15.01 24.53
CA MET A 37 -10.01 15.04 23.74
C MET A 37 -8.77 14.87 24.60
N ASP A 38 -8.81 15.33 25.86
CA ASP A 38 -7.69 15.11 26.76
C ASP A 38 -7.50 13.62 27.04
N ILE A 39 -8.60 12.89 27.20
CA ILE A 39 -8.52 11.46 27.47
C ILE A 39 -8.06 10.71 26.22
N ALA A 40 -8.64 11.06 25.07
CA ALA A 40 -8.25 10.40 23.83
C ALA A 40 -6.77 10.64 23.53
N TYR A 41 -6.27 11.84 23.80
CA TYR A 41 -4.84 12.10 23.62
C TYR A 41 -4.01 11.26 24.59
N GLU A 42 -4.45 11.19 25.85
CA GLU A 42 -3.79 10.36 26.83
C GLU A 42 -3.62 8.93 26.32
N GLU A 43 -4.70 8.35 25.81
CA GLU A 43 -4.66 7.00 25.29
C GLU A 43 -3.70 6.88 24.11
N ALA A 44 -3.70 7.88 23.22
CA ALA A 44 -2.82 7.82 22.05
C ALA A 44 -1.36 7.90 22.45
N ALA A 45 -1.04 8.76 23.42
CA ALA A 45 0.35 8.87 23.88
C ALA A 45 0.76 7.62 24.65
N LEU A 46 -0.15 7.06 25.44
CA LEU A 46 0.14 5.82 26.14
C LEU A 46 0.44 4.70 25.15
N GLY A 47 -0.40 4.56 24.12
CA GLY A 47 -0.14 3.55 23.09
C GLY A 47 1.14 3.78 22.32
N TYR A 48 1.51 5.05 22.11
CA TYR A 48 2.79 5.36 21.49
C TYR A 48 3.95 4.85 22.32
N LYS A 49 3.87 5.01 23.66
CA LYS A 49 4.95 4.53 24.52
C LYS A 49 5.04 3.02 24.55
N GLU A 50 3.93 2.32 24.29
CA GLU A 50 3.93 0.87 24.21
C GLU A 50 4.45 0.35 22.88
N GLY A 51 4.85 1.23 21.96
CA GLY A 51 5.34 0.83 20.66
C GLY A 51 4.30 0.79 19.54
N GLY A 52 3.07 1.22 19.80
CA GLY A 52 1.98 1.11 18.84
C GLY A 52 1.66 2.41 18.14
N VAL A 53 0.60 2.38 17.35
CA VAL A 53 0.16 3.54 16.59
C VAL A 53 -0.50 4.53 17.55
N PRO A 54 -0.11 5.81 17.54
CA PRO A 54 -0.68 6.80 18.50
C PRO A 54 -2.07 7.29 18.08
N ILE A 55 -3.06 6.41 18.21
CA ILE A 55 -4.46 6.74 17.95
C ILE A 55 -5.26 6.26 19.15
N GLY A 56 -5.89 7.18 19.87
CA GLY A 56 -6.66 6.84 21.04
C GLY A 56 -8.02 7.49 21.03
N GLY A 57 -8.88 7.02 21.93
CA GLY A 57 -10.21 7.58 22.01
C GLY A 57 -10.90 7.23 23.31
N CYS A 58 -12.08 7.82 23.49
CA CYS A 58 -12.92 7.49 24.64
C CYS A 58 -14.37 7.79 24.29
N LEU A 59 -15.27 7.11 24.99
CA LEU A 59 -16.71 7.32 24.88
C LEU A 59 -17.20 8.04 26.13
N ILE A 60 -17.92 9.14 25.94
CA ILE A 60 -18.40 9.97 27.05
C ILE A 60 -19.91 10.08 26.96
N ASN A 61 -20.58 9.82 28.08
CA ASN A 61 -22.02 10.06 28.19
C ASN A 61 -22.26 11.57 28.18
N ASN A 62 -23.20 12.02 27.34
CA ASN A 62 -23.34 13.45 27.09
C ASN A 62 -23.98 14.18 28.27
N LYS A 63 -24.83 13.51 29.05
CA LYS A 63 -25.55 14.17 30.12
C LYS A 63 -24.60 14.64 31.22
N ASP A 64 -23.87 13.71 31.82
CA ASP A 64 -23.05 13.98 33.00
C ASP A 64 -21.55 13.98 32.75
N GLY A 65 -21.10 13.60 31.56
CA GLY A 65 -19.68 13.59 31.26
C GLY A 65 -18.91 12.39 31.74
N SER A 66 -19.59 11.31 32.13
CA SER A 66 -18.89 10.11 32.59
C SER A 66 -18.21 9.40 31.43
N VAL A 67 -17.01 8.88 31.69
CA VAL A 67 -16.28 8.09 30.70
C VAL A 67 -16.84 6.69 30.70
N LEU A 68 -17.42 6.28 29.57
CA LEU A 68 -17.92 4.91 29.41
C LEU A 68 -16.84 3.93 29.00
N GLY A 69 -15.72 4.43 28.49
CA GLY A 69 -14.64 3.56 28.07
C GLY A 69 -13.61 4.36 27.31
N ARG A 70 -12.42 3.79 27.22
CA ARG A 70 -11.31 4.43 26.54
C ARG A 70 -10.39 3.35 25.98
N GLY A 71 -9.54 3.73 25.03
CA GLY A 71 -8.62 2.78 24.45
C GLY A 71 -7.83 3.38 23.32
N HIS A 72 -6.91 2.59 22.80
CA HIS A 72 -6.03 3.01 21.72
C HIS A 72 -5.83 1.85 20.74
N ASN A 73 -5.20 2.19 19.62
CA ASN A 73 -4.90 1.21 18.58
C ASN A 73 -4.00 0.11 19.13
N MET A 74 -4.40 -1.15 18.93
CA MET A 74 -3.67 -2.30 19.43
C MET A 74 -3.05 -3.14 18.32
N ARG A 75 -2.81 -2.53 17.15
CA ARG A 75 -2.25 -3.26 16.01
C ARG A 75 -0.96 -3.97 16.40
N PHE A 76 -0.03 -3.23 16.99
CA PHE A 76 1.28 -3.77 17.34
C PHE A 76 1.30 -4.37 18.72
N GLN A 77 0.47 -3.87 19.64
CA GLN A 77 0.44 -4.41 20.99
C GLN A 77 -0.07 -5.86 20.98
N LYS A 78 -1.02 -6.16 20.09
CA LYS A 78 -1.67 -7.47 20.11
C LYS A 78 -1.69 -8.15 18.75
N GLY A 79 -0.98 -7.63 17.75
CA GLY A 79 -1.01 -8.24 16.43
C GLY A 79 -2.40 -8.26 15.84
N SER A 80 -3.18 -7.21 16.13
CA SER A 80 -4.61 -7.18 15.85
C SER A 80 -4.89 -6.55 14.48
N ALA A 81 -5.80 -7.18 13.73
CA ALA A 81 -6.23 -6.62 12.45
C ALA A 81 -7.34 -5.60 12.63
N THR A 82 -8.22 -5.77 13.61
CA THR A 82 -9.41 -4.94 13.74
C THR A 82 -9.35 -3.92 14.87
N LEU A 83 -8.40 -4.02 15.80
CA LEU A 83 -8.44 -3.21 17.03
C LEU A 83 -7.86 -1.82 16.78
N HIS A 84 -8.56 -1.06 15.94
CA HIS A 84 -8.27 0.35 15.78
C HIS A 84 -8.69 1.11 17.04
N GLY A 85 -8.27 2.37 17.13
CA GLY A 85 -8.53 3.15 18.34
C GLY A 85 -10.00 3.25 18.69
N VAL A 86 -10.87 3.46 17.69
CA VAL A 86 -12.30 3.52 17.94
C VAL A 86 -12.84 2.16 18.32
N ILE A 87 -12.40 1.11 17.61
CA ILE A 87 -12.88 -0.24 17.88
C ILE A 87 -12.42 -0.70 19.26
N SER A 88 -11.15 -0.44 19.58
CA SER A 88 -10.62 -0.71 20.91
C SER A 88 -11.44 0.01 21.97
N THR A 89 -11.69 1.30 21.77
CA THR A 89 -12.48 2.09 22.72
C THR A 89 -13.85 1.47 22.94
N LEU A 90 -14.54 1.09 21.86
CA LEU A 90 -15.87 0.52 21.98
C LEU A 90 -15.82 -0.85 22.66
N GLU A 91 -14.76 -1.62 22.40
CA GLU A 91 -14.61 -2.90 23.06
C GLU A 91 -14.47 -2.75 24.57
N ASN A 92 -13.78 -1.69 25.01
CA ASN A 92 -13.50 -1.43 26.42
C ASN A 92 -14.68 -0.85 27.18
N CYS A 93 -15.77 -0.51 26.49
CA CYS A 93 -17.02 -0.15 27.16
C CYS A 93 -17.83 -1.37 27.55
N GLY A 94 -17.56 -2.51 26.94
CA GLY A 94 -18.36 -3.69 27.15
C GLY A 94 -19.71 -3.59 26.45
N ARG A 95 -20.47 -4.67 26.53
CA ARG A 95 -21.80 -4.70 25.96
C ARG A 95 -22.70 -3.70 26.69
N LEU A 96 -23.32 -2.80 25.94
CA LEU A 96 -24.24 -1.82 26.48
C LEU A 96 -25.59 -1.96 25.80
N GLU A 97 -26.64 -1.49 26.46
CA GLU A 97 -27.94 -1.41 25.81
C GLU A 97 -27.89 -0.37 24.72
N GLY A 98 -28.55 -0.67 23.60
CA GLY A 98 -28.47 0.20 22.43
C GLY A 98 -28.78 1.65 22.73
N LYS A 99 -29.65 1.90 23.71
CA LYS A 99 -30.08 3.27 23.99
C LYS A 99 -28.96 4.09 24.62
N VAL A 100 -28.04 3.43 25.34
CA VAL A 100 -26.94 4.14 26.00
C VAL A 100 -26.11 4.92 24.99
N TYR A 101 -25.85 4.32 23.83
CA TYR A 101 -25.03 4.95 22.81
C TYR A 101 -25.69 6.20 22.25
N LYS A 102 -27.03 6.28 22.31
CA LYS A 102 -27.76 7.31 21.58
C LYS A 102 -27.55 8.71 22.14
N ASP A 103 -27.00 8.85 23.34
CA ASP A 103 -26.68 10.16 23.91
C ASP A 103 -25.26 10.15 24.44
N THR A 104 -24.31 9.82 23.56
CA THR A 104 -22.89 9.83 23.89
C THR A 104 -22.16 10.63 22.82
N THR A 105 -20.88 10.91 23.11
CA THR A 105 -19.96 11.46 22.13
C THR A 105 -18.72 10.58 22.10
N LEU A 106 -18.28 10.21 20.90
CA LEU A 106 -17.06 9.43 20.75
C LEU A 106 -15.92 10.37 20.37
N TYR A 107 -14.86 10.33 21.15
CA TYR A 107 -13.69 11.15 20.89
C TYR A 107 -12.59 10.28 20.32
N THR A 108 -11.94 10.78 19.26
CA THR A 108 -10.85 10.06 18.61
C THR A 108 -9.79 11.06 18.17
N THR A 109 -8.51 10.65 18.30
CA THR A 109 -7.43 11.59 17.99
C THR A 109 -7.22 11.77 16.50
N LEU A 110 -7.71 10.85 15.66
CA LEU A 110 -7.54 10.91 14.21
C LEU A 110 -8.85 10.61 13.51
N SER A 111 -8.98 11.16 12.30
CA SER A 111 -10.18 10.94 11.50
C SER A 111 -10.39 9.44 11.28
N PRO A 112 -11.61 8.94 11.42
CA PRO A 112 -11.83 7.49 11.43
C PRO A 112 -11.91 6.87 10.03
N CYS A 113 -11.44 5.63 9.93
CA CYS A 113 -11.56 4.87 8.70
C CYS A 113 -13.00 4.41 8.48
N ASP A 114 -13.22 3.76 7.34
CA ASP A 114 -14.57 3.28 7.02
C ASP A 114 -15.07 2.28 8.06
N MET A 115 -14.17 1.48 8.64
CA MET A 115 -14.60 0.51 9.66
C MET A 115 -15.10 1.20 10.91
N CYS A 116 -14.26 2.04 11.52
CA CYS A 116 -14.67 2.80 12.70
C CYS A 116 -15.86 3.70 12.40
N THR A 117 -15.93 4.25 11.19
CA THR A 117 -17.12 5.00 10.80
C THR A 117 -18.36 4.12 10.84
N GLY A 118 -18.26 2.88 10.34
CA GLY A 118 -19.40 1.98 10.38
C GLY A 118 -19.81 1.61 11.79
N ALA A 119 -18.82 1.43 12.68
CA ALA A 119 -19.12 1.18 14.08
C ALA A 119 -19.91 2.33 14.70
N ILE A 120 -19.48 3.57 14.41
CA ILE A 120 -20.20 4.74 14.92
C ILE A 120 -21.61 4.77 14.37
N ILE A 121 -21.77 4.43 13.08
CA ILE A 121 -23.10 4.44 12.47
C ILE A 121 -23.96 3.32 13.05
N MET A 122 -23.40 2.12 13.19
CA MET A 122 -24.21 0.99 13.61
C MET A 122 -24.75 1.19 15.02
N TYR A 123 -23.91 1.68 15.89
CA TYR A 123 -24.27 1.88 17.27
C TYR A 123 -25.16 3.08 17.52
N GLY A 124 -25.30 3.94 16.53
CA GLY A 124 -26.09 5.15 16.67
C GLY A 124 -25.46 6.24 17.51
N ILE A 125 -24.14 6.27 17.62
CA ILE A 125 -23.46 7.31 18.39
C ILE A 125 -23.61 8.64 17.64
N PRO A 126 -24.32 9.62 18.22
CA PRO A 126 -24.71 10.79 17.42
C PRO A 126 -23.58 11.74 17.11
N ARG A 127 -22.58 11.84 17.98
CA ARG A 127 -21.56 12.87 17.90
C ARG A 127 -20.19 12.23 17.87
N CYS A 128 -19.34 12.72 16.97
CA CYS A 128 -17.94 12.31 16.87
C CYS A 128 -17.07 13.55 16.84
N VAL A 129 -16.13 13.64 17.78
CA VAL A 129 -15.17 14.74 17.86
C VAL A 129 -13.80 14.20 17.46
N VAL A 130 -13.25 14.74 16.37
CA VAL A 130 -12.01 14.27 15.76
C VAL A 130 -10.90 15.24 16.11
N GLY A 131 -9.77 14.70 16.58
CA GLY A 131 -8.65 15.54 16.94
C GLY A 131 -8.04 16.26 15.74
N GLU A 132 -7.89 15.54 14.63
CA GLU A 132 -7.29 16.12 13.44
C GLU A 132 -7.48 15.17 12.26
N ASN A 133 -7.61 15.76 11.08
CA ASN A 133 -7.73 15.01 9.84
C ASN A 133 -6.66 15.43 8.84
N VAL A 134 -5.51 15.86 9.35
CA VAL A 134 -4.41 16.32 8.52
C VAL A 134 -3.48 15.18 8.14
N ASN A 135 -3.09 14.37 9.14
CA ASN A 135 -2.25 13.21 8.87
C ASN A 135 -3.02 12.07 8.21
N PHE A 136 -4.35 12.08 8.28
CA PHE A 136 -5.17 11.05 7.66
C PHE A 136 -6.60 11.54 7.59
N LYS A 137 -7.25 11.26 6.48
CA LYS A 137 -8.67 11.57 6.30
C LYS A 137 -9.23 10.61 5.27
N SER A 138 -10.32 9.94 5.61
CA SER A 138 -10.93 8.96 4.73
C SER A 138 -12.35 9.39 4.36
N LYS A 139 -12.96 8.64 3.45
CA LYS A 139 -14.35 8.88 3.06
C LYS A 139 -15.32 8.79 4.23
N GLY A 140 -14.88 8.26 5.37
CA GLY A 140 -15.79 8.05 6.48
C GLY A 140 -16.22 9.31 7.18
N GLU A 141 -15.38 10.35 7.13
CA GLU A 141 -15.76 11.63 7.71
C GLU A 141 -17.01 12.18 7.03
N LYS A 142 -17.00 12.23 5.70
CA LYS A 142 -18.17 12.72 4.96
C LYS A 142 -19.36 11.76 5.09
N TYR A 143 -19.11 10.45 5.02
CA TYR A 143 -20.20 9.49 5.10
C TYR A 143 -20.93 9.59 6.44
N LEU A 144 -20.18 9.88 7.50
CA LEU A 144 -20.79 10.09 8.81
C LEU A 144 -21.81 11.22 8.77
N GLN A 145 -21.43 12.36 8.17
CA GLN A 145 -22.37 13.46 8.03
C GLN A 145 -23.53 13.08 7.13
N THR A 146 -23.22 12.40 6.02
CA THR A 146 -24.25 11.91 5.12
C THR A 146 -25.31 11.11 5.87
N ARG A 147 -24.88 10.28 6.83
CA ARG A 147 -25.78 9.42 7.57
C ARG A 147 -26.41 10.11 8.77
N GLY A 148 -26.23 11.43 8.91
CA GLY A 148 -26.89 12.19 9.95
C GLY A 148 -26.16 12.33 11.26
N HIS A 149 -24.88 12.03 11.31
CA HIS A 149 -24.09 12.19 12.53
C HIS A 149 -23.31 13.51 12.47
N GLU A 150 -23.16 14.14 13.64
CA GLU A 150 -22.36 15.35 13.73
C GLU A 150 -20.89 14.99 13.88
N VAL A 151 -20.06 15.56 13.02
CA VAL A 151 -18.60 15.37 13.08
C VAL A 151 -17.97 16.73 13.31
N VAL A 152 -17.13 16.81 14.33
CA VAL A 152 -16.45 18.04 14.71
C VAL A 152 -14.96 17.77 14.72
N VAL A 153 -14.21 18.54 13.94
CA VAL A 153 -12.75 18.43 13.89
C VAL A 153 -12.19 19.60 14.68
N VAL A 154 -11.44 19.31 15.75
CA VAL A 154 -10.90 20.35 16.61
C VAL A 154 -9.51 20.82 16.20
N ASP A 155 -8.84 20.10 15.29
CA ASP A 155 -7.49 20.45 14.84
C ASP A 155 -6.54 20.59 16.03
N ASP A 156 -6.53 19.57 16.88
CA ASP A 156 -5.64 19.56 18.04
C ASP A 156 -4.19 19.44 17.58
N GLU A 157 -3.32 20.31 18.13
CA GLU A 157 -1.93 20.32 17.72
C GLU A 157 -1.14 19.17 18.35
N ARG A 158 -1.48 18.79 19.58
CA ARG A 158 -0.79 17.68 20.23
C ARG A 158 -0.99 16.39 19.46
N CYS A 159 -2.22 16.15 19.00
CA CYS A 159 -2.50 14.95 18.20
C CYS A 159 -1.72 14.97 16.89
N LYS A 160 -1.79 16.08 16.16
CA LYS A 160 -1.03 16.21 14.92
C LYS A 160 0.45 15.93 15.15
N LYS A 161 1.02 16.47 16.22
CA LYS A 161 2.45 16.30 16.48
C LYS A 161 2.81 14.84 16.67
N ILE A 162 2.11 14.15 17.58
CA ILE A 162 2.49 12.78 17.91
C ILE A 162 2.25 11.85 16.72
N MET A 163 1.18 12.07 15.97
CA MET A 163 0.92 11.23 14.80
C MET A 163 1.93 11.48 13.71
N LYS A 164 2.29 12.75 13.47
CA LYS A 164 3.32 13.06 12.50
C LYS A 164 4.62 12.37 12.87
N GLN A 165 4.95 12.34 14.16
CA GLN A 165 6.20 11.74 14.59
C GLN A 165 6.24 10.25 14.24
N PHE A 166 5.16 9.52 14.57
CA PHE A 166 5.12 8.10 14.26
C PHE A 166 5.26 7.86 12.75
N ILE A 167 4.52 8.64 11.96
CA ILE A 167 4.58 8.51 10.50
C ILE A 167 5.99 8.77 10.00
N ASP A 168 6.68 9.76 10.56
CA ASP A 168 8.03 10.08 10.12
C ASP A 168 9.06 9.08 10.61
N GLU A 169 8.84 8.48 11.80
CA GLU A 169 9.76 7.46 12.33
C GLU A 169 9.53 6.11 11.67
N ARG A 170 8.29 5.77 11.38
CA ARG A 170 7.92 4.42 10.96
C ARG A 170 6.97 4.47 9.78
N PRO A 171 7.39 5.10 8.67
CA PRO A 171 6.49 5.24 7.52
C PRO A 171 6.10 3.90 6.90
N GLN A 172 6.96 2.89 7.00
CA GLN A 172 6.64 1.60 6.42
C GLN A 172 5.51 0.92 7.17
N ASP A 173 5.51 1.01 8.50
CA ASP A 173 4.39 0.49 9.27
C ASP A 173 3.11 1.26 8.95
N TRP A 174 3.23 2.57 8.81
CA TRP A 174 2.07 3.40 8.50
C TRP A 174 1.45 3.03 7.15
N PHE A 175 2.29 2.94 6.11
CA PHE A 175 1.79 2.64 4.77
C PHE A 175 1.31 1.20 4.66
N GLU A 176 1.97 0.27 5.35
CA GLU A 176 1.48 -1.10 5.40
C GLU A 176 0.07 -1.17 5.96
N ASP A 177 -0.35 -0.17 6.73
CA ASP A 177 -1.65 -0.12 7.38
C ASP A 177 -2.69 0.64 6.56
N ILE A 178 -2.35 1.82 6.04
CA ILE A 178 -3.33 2.67 5.36
C ILE A 178 -3.11 2.79 3.86
N GLY A 179 -2.01 2.28 3.33
CA GLY A 179 -1.71 2.43 1.91
C GLY A 179 -2.49 1.51 1.00
N ALA B 27 -20.34 -17.00 -10.67
CA ALA B 27 -20.03 -17.50 -9.32
C ALA B 27 -18.66 -18.17 -9.27
N SER B 28 -17.94 -17.95 -8.18
CA SER B 28 -16.61 -18.52 -8.03
C SER B 28 -16.70 -19.97 -7.56
N LYS B 29 -15.68 -20.75 -7.91
CA LYS B 29 -15.70 -22.18 -7.62
C LYS B 29 -15.64 -22.48 -6.12
N TRP B 30 -15.22 -21.53 -5.30
CA TRP B 30 -15.08 -21.74 -3.87
C TRP B 30 -16.28 -21.27 -3.07
N ASP B 31 -17.34 -20.81 -3.73
CA ASP B 31 -18.48 -20.27 -3.00
C ASP B 31 -19.15 -21.33 -2.14
N GLN B 32 -19.34 -22.53 -2.69
CA GLN B 32 -19.92 -23.62 -1.91
C GLN B 32 -19.06 -23.92 -0.69
N LYS B 33 -17.74 -23.97 -0.87
CA LYS B 33 -16.85 -24.19 0.26
C LYS B 33 -16.97 -23.05 1.28
N GLY B 34 -16.97 -21.81 0.79
CA GLY B 34 -17.03 -20.66 1.69
C GLY B 34 -18.30 -20.62 2.53
N MET B 35 -19.46 -20.82 1.89
CA MET B 35 -20.70 -20.77 2.64
C MET B 35 -20.84 -21.96 3.58
N ASP B 36 -20.33 -23.12 3.19
CA ASP B 36 -20.36 -24.26 4.08
C ASP B 36 -19.58 -23.97 5.36
N ILE B 37 -18.37 -23.46 5.21
CA ILE B 37 -17.55 -23.13 6.38
C ILE B 37 -18.22 -22.04 7.21
N ALA B 38 -18.79 -21.02 6.55
CA ALA B 38 -19.46 -19.94 7.26
C ALA B 38 -20.65 -20.45 8.06
N TYR B 39 -21.41 -21.40 7.49
CA TYR B 39 -22.54 -21.96 8.23
C TYR B 39 -22.05 -22.84 9.38
N GLU B 40 -20.97 -23.59 9.15
CA GLU B 40 -20.35 -24.35 10.24
C GLU B 40 -20.03 -23.43 11.41
N GLU B 41 -19.44 -22.27 11.14
CA GLU B 41 -19.11 -21.33 12.20
C GLU B 41 -20.37 -20.80 12.88
N ALA B 42 -21.43 -20.54 12.12
CA ALA B 42 -22.67 -20.05 12.73
C ALA B 42 -23.29 -21.10 13.63
N ALA B 43 -23.28 -22.36 13.19
CA ALA B 43 -23.83 -23.44 13.99
C ALA B 43 -23.00 -23.71 15.23
N LEU B 44 -21.67 -23.75 15.08
CA LEU B 44 -20.79 -23.86 16.24
C LEU B 44 -21.07 -22.74 17.24
N GLY B 45 -21.22 -21.51 16.74
CA GLY B 45 -21.51 -20.40 17.63
C GLY B 45 -22.85 -20.56 18.33
N TYR B 46 -23.86 -21.03 17.61
CA TYR B 46 -25.15 -21.32 18.22
C TYR B 46 -25.03 -22.36 19.33
N LYS B 47 -24.23 -23.41 19.09
CA LYS B 47 -24.04 -24.43 20.11
C LYS B 47 -23.46 -23.85 21.38
N GLU B 48 -22.53 -22.90 21.26
CA GLU B 48 -21.90 -22.28 22.42
C GLU B 48 -22.80 -21.31 23.16
N GLY B 49 -24.02 -21.05 22.69
CA GLY B 49 -24.92 -20.15 23.38
C GLY B 49 -24.98 -18.73 22.85
N GLY B 50 -24.24 -18.41 21.79
CA GLY B 50 -24.22 -17.07 21.21
C GLY B 50 -25.12 -16.93 19.99
N VAL B 51 -24.83 -15.91 19.19
CA VAL B 51 -25.61 -15.55 18.01
C VAL B 51 -25.11 -16.33 16.80
N PRO B 52 -26.00 -17.01 16.05
CA PRO B 52 -25.59 -17.91 14.93
C PRO B 52 -25.28 -17.16 13.65
N ILE B 53 -24.20 -16.39 13.70
CA ILE B 53 -23.66 -15.68 12.55
C ILE B 53 -22.21 -16.11 12.42
N GLY B 54 -21.87 -16.71 11.27
CA GLY B 54 -20.52 -17.16 11.04
C GLY B 54 -19.99 -16.64 9.71
N GLY B 55 -18.70 -16.82 9.51
CA GLY B 55 -18.10 -16.45 8.24
C GLY B 55 -16.68 -16.95 8.12
N CYS B 56 -16.11 -16.77 6.93
CA CYS B 56 -14.71 -17.09 6.70
C CYS B 56 -14.18 -16.22 5.56
N LEU B 57 -12.85 -16.18 5.46
CA LEU B 57 -12.13 -15.46 4.42
C LEU B 57 -11.37 -16.46 3.56
N ILE B 58 -11.66 -16.47 2.26
CA ILE B 58 -11.09 -17.45 1.35
C ILE B 58 -10.29 -16.70 0.28
N ASN B 59 -9.05 -17.12 0.06
CA ASN B 59 -8.23 -16.62 -1.03
C ASN B 59 -8.81 -17.11 -2.36
N ASN B 60 -9.13 -16.17 -3.26
CA ASN B 60 -9.85 -16.52 -4.50
C ASN B 60 -8.97 -17.34 -5.45
N LYS B 61 -7.65 -17.20 -5.38
CA LYS B 61 -6.77 -17.85 -6.35
C LYS B 61 -6.78 -19.37 -6.18
N ASP B 62 -6.46 -19.86 -4.98
CA ASP B 62 -6.33 -21.30 -4.75
C ASP B 62 -7.36 -21.90 -3.79
N GLY B 63 -8.23 -21.09 -3.18
CA GLY B 63 -9.22 -21.62 -2.28
C GLY B 63 -8.75 -21.85 -0.86
N SER B 64 -7.57 -21.36 -0.49
CA SER B 64 -7.10 -21.43 0.88
C SER B 64 -8.02 -20.65 1.81
N VAL B 65 -8.29 -21.22 2.98
CA VAL B 65 -9.02 -20.53 4.03
C VAL B 65 -8.04 -19.73 4.88
N LEU B 66 -8.12 -18.39 4.80
CA LEU B 66 -7.26 -17.52 5.58
C LEU B 66 -7.70 -17.39 7.04
N GLY B 67 -8.99 -17.60 7.32
CA GLY B 67 -9.52 -17.49 8.66
C GLY B 67 -11.01 -17.72 8.71
N ARG B 68 -11.54 -17.93 9.91
CA ARG B 68 -12.97 -18.17 10.12
C ARG B 68 -13.32 -17.79 11.55
N GLY B 69 -14.61 -17.59 11.79
CA GLY B 69 -15.04 -17.18 13.11
C GLY B 69 -16.53 -16.95 13.12
N HIS B 70 -17.03 -16.67 14.31
CA HIS B 70 -18.45 -16.41 14.50
C HIS B 70 -18.62 -15.29 15.51
N ASN B 71 -19.87 -14.88 15.69
CA ASN B 71 -20.19 -13.80 16.61
C ASN B 71 -19.79 -14.20 18.04
N MET B 72 -19.07 -13.31 18.71
CA MET B 72 -18.56 -13.57 20.05
C MET B 72 -19.19 -12.66 21.10
N ARG B 73 -20.41 -12.19 20.88
CA ARG B 73 -21.03 -11.25 21.81
C ARG B 73 -21.23 -11.89 23.19
N PHE B 74 -21.75 -13.11 23.23
CA PHE B 74 -22.03 -13.78 24.50
C PHE B 74 -20.85 -14.60 24.97
N GLN B 75 -20.09 -15.19 24.03
CA GLN B 75 -18.93 -15.98 24.41
C GLN B 75 -17.91 -15.14 25.15
N LYS B 76 -17.68 -13.90 24.71
CA LYS B 76 -16.62 -13.08 25.25
C LYS B 76 -17.10 -11.72 25.77
N GLY B 77 -18.41 -11.50 25.85
CA GLY B 77 -18.90 -10.19 26.27
C GLY B 77 -18.48 -9.07 25.35
N SER B 78 -18.34 -9.36 24.05
CA SER B 78 -17.73 -8.45 23.09
C SER B 78 -18.77 -7.61 22.37
N ALA B 79 -18.53 -6.29 22.33
CA ALA B 79 -19.41 -5.38 21.60
C ALA B 79 -19.05 -5.29 20.13
N THR B 80 -17.82 -5.64 19.75
CA THR B 80 -17.35 -5.45 18.39
C THR B 80 -17.18 -6.73 17.61
N LEU B 81 -17.14 -7.90 18.28
CA LEU B 81 -16.79 -9.14 17.61
C LEU B 81 -18.03 -9.75 16.93
N HIS B 82 -18.48 -9.06 15.88
CA HIS B 82 -19.45 -9.67 14.99
C HIS B 82 -18.79 -10.78 14.19
N GLY B 83 -19.61 -11.59 13.50
CA GLY B 83 -19.07 -12.70 12.72
C GLY B 83 -18.02 -12.27 11.73
N GLU B 84 -18.24 -11.12 11.06
CA GLU B 84 -17.29 -10.64 10.05
C GLU B 84 -16.03 -10.09 10.69
N ILE B 85 -16.16 -9.35 11.79
CA ILE B 85 -14.97 -8.84 12.48
C ILE B 85 -14.19 -9.98 13.11
N SER B 86 -14.89 -10.92 13.74
CA SER B 86 -14.24 -12.09 14.31
C SER B 86 -13.48 -12.87 13.23
N THR B 87 -14.09 -13.04 12.06
CA THR B 87 -13.42 -13.73 10.98
C THR B 87 -12.14 -13.02 10.58
N LEU B 88 -12.20 -11.68 10.49
CA LEU B 88 -11.04 -10.93 10.03
C LEU B 88 -9.94 -10.92 11.07
N GLU B 89 -10.32 -10.78 12.35
CA GLU B 89 -9.34 -10.86 13.42
C GLU B 89 -8.64 -12.22 13.43
N ASN B 90 -9.39 -13.31 13.20
CA ASN B 90 -8.80 -14.64 13.22
C ASN B 90 -7.86 -14.90 12.04
N CYS B 91 -7.80 -14.01 11.05
CA CYS B 91 -6.82 -14.10 9.98
C CYS B 91 -5.48 -13.51 10.38
N GLY B 92 -5.41 -12.79 11.49
CA GLY B 92 -4.22 -12.07 11.86
C GLY B 92 -3.98 -10.91 10.90
N ARG B 93 -2.89 -10.20 11.16
CA ARG B 93 -2.49 -9.12 10.27
C ARG B 93 -2.01 -9.69 8.95
N LEU B 94 -2.72 -9.38 7.88
CA LEU B 94 -2.32 -9.74 6.54
C LEU B 94 -1.88 -8.49 5.80
N GLU B 95 -1.01 -8.67 4.81
CA GLU B 95 -0.66 -7.58 3.94
C GLU B 95 -1.87 -7.18 3.09
N GLY B 96 -1.89 -5.93 2.65
CA GLY B 96 -2.99 -5.45 1.84
C GLY B 96 -3.20 -6.25 0.57
N LYS B 97 -2.13 -6.77 -0.02
CA LYS B 97 -2.25 -7.48 -1.29
C LYS B 97 -3.09 -8.74 -1.13
N VAL B 98 -3.01 -9.38 0.03
CA VAL B 98 -3.75 -10.62 0.23
C VAL B 98 -5.24 -10.35 0.17
N TYR B 99 -5.71 -9.34 0.92
CA TYR B 99 -7.13 -9.02 0.94
C TYR B 99 -7.67 -8.77 -0.45
N LYS B 100 -6.83 -8.27 -1.37
CA LYS B 100 -7.29 -7.77 -2.66
C LYS B 100 -7.81 -8.88 -3.58
N ASP B 101 -7.54 -10.14 -3.29
CA ASP B 101 -8.09 -11.24 -4.07
C ASP B 101 -8.70 -12.30 -3.16
N THR B 102 -9.59 -11.86 -2.26
CA THR B 102 -10.29 -12.76 -1.36
C THR B 102 -11.79 -12.56 -1.51
N THR B 103 -12.54 -13.54 -1.00
CA THR B 103 -13.97 -13.43 -0.80
C THR B 103 -14.25 -13.63 0.69
N LEU B 104 -15.08 -12.77 1.25
CA LEU B 104 -15.55 -12.93 2.63
C LEU B 104 -16.96 -13.51 2.56
N TYR B 105 -17.17 -14.64 3.23
CA TYR B 105 -18.47 -15.29 3.30
C TYR B 105 -19.07 -15.03 4.67
N THR B 106 -20.35 -14.69 4.71
CA THR B 106 -21.03 -14.40 5.96
C THR B 106 -22.46 -14.91 5.89
N THR B 107 -22.91 -15.55 6.97
CA THR B 107 -24.25 -16.15 6.96
C THR B 107 -25.36 -15.11 7.00
N LEU B 108 -25.05 -13.88 7.43
CA LEU B 108 -26.03 -12.81 7.52
C LEU B 108 -25.50 -11.56 6.83
N SER B 109 -26.43 -10.76 6.32
CA SER B 109 -26.06 -9.51 5.66
C SER B 109 -25.30 -8.62 6.66
N PRO B 110 -24.21 -7.99 6.25
CA PRO B 110 -23.37 -7.27 7.22
C PRO B 110 -23.96 -5.93 7.63
N CYS B 111 -23.66 -5.56 8.88
CA CYS B 111 -24.06 -4.27 9.43
C CYS B 111 -23.17 -3.16 8.88
N ASP B 112 -23.42 -1.94 9.34
CA ASP B 112 -22.64 -0.81 8.84
C ASP B 112 -21.18 -0.91 9.28
N MET B 113 -20.91 -1.51 10.43
CA MET B 113 -19.53 -1.67 10.88
C MET B 113 -18.79 -2.68 10.00
N CYS B 114 -19.39 -3.86 9.82
CA CYS B 114 -18.74 -4.90 9.03
C CYS B 114 -18.64 -4.51 7.56
N THR B 115 -19.63 -3.77 7.05
CA THR B 115 -19.48 -3.16 5.73
C THR B 115 -18.23 -2.29 5.67
N GLY B 116 -18.04 -1.44 6.69
CA GLY B 116 -16.85 -0.60 6.74
C GLY B 116 -15.56 -1.40 6.79
N ALA B 117 -15.54 -2.48 7.56
CA ALA B 117 -14.37 -3.36 7.57
C ALA B 117 -14.07 -3.91 6.18
N ILE B 118 -15.08 -4.46 5.52
CA ILE B 118 -14.91 -4.96 4.16
C ILE B 118 -14.35 -3.88 3.25
N ILE B 119 -14.91 -2.68 3.32
CA ILE B 119 -14.43 -1.57 2.51
C ILE B 119 -12.99 -1.23 2.88
N TRP B 120 -12.71 -1.14 4.19
CA TRP B 120 -11.40 -0.70 4.64
C TRP B 120 -10.30 -1.63 4.16
N TYR B 121 -10.51 -2.94 4.26
CA TYR B 121 -9.50 -3.91 3.85
C TYR B 121 -9.45 -4.14 2.34
N GLY B 122 -10.42 -3.62 1.59
CA GLY B 122 -10.43 -3.84 0.15
C GLY B 122 -10.76 -5.24 -0.29
N ILE B 123 -11.65 -5.93 0.42
CA ILE B 123 -12.07 -7.28 0.06
C ILE B 123 -13.10 -7.19 -1.06
N PRO B 124 -12.77 -7.66 -2.27
CA PRO B 124 -13.58 -7.31 -3.44
C PRO B 124 -14.95 -7.96 -3.47
N ARG B 125 -15.11 -9.12 -2.85
CA ARG B 125 -16.31 -9.93 -2.98
C ARG B 125 -16.86 -10.24 -1.61
N CYS B 126 -18.18 -10.10 -1.47
CA CYS B 126 -18.87 -10.45 -0.24
C CYS B 126 -20.05 -11.34 -0.61
N VAL B 127 -20.06 -12.57 -0.11
CA VAL B 127 -21.15 -13.52 -0.35
C VAL B 127 -21.93 -13.65 0.95
N VAL B 128 -23.24 -13.39 0.85
CA VAL B 128 -24.14 -13.33 1.99
C VAL B 128 -25.07 -14.53 1.96
N GLY B 129 -25.18 -15.23 3.07
CA GLY B 129 -26.15 -16.32 3.16
C GLY B 129 -27.57 -15.83 2.95
N GLU B 130 -28.01 -14.89 3.77
CA GLU B 130 -29.36 -14.36 3.65
C GLU B 130 -29.41 -12.94 4.18
N ASN B 131 -30.40 -12.19 3.70
CA ASN B 131 -30.65 -10.83 4.15
C ASN B 131 -32.12 -10.66 4.52
N VAL B 132 -32.74 -11.75 4.96
CA VAL B 132 -34.15 -11.75 5.31
C VAL B 132 -34.35 -11.42 6.79
N ASN B 133 -33.57 -12.03 7.69
CA ASN B 133 -33.73 -11.75 9.11
C ASN B 133 -33.07 -10.43 9.51
N PHE B 134 -32.23 -9.85 8.65
CA PHE B 134 -31.55 -8.59 8.92
C PHE B 134 -30.97 -8.06 7.61
N LYS B 135 -31.06 -6.75 7.42
CA LYS B 135 -30.39 -6.10 6.30
C LYS B 135 -30.15 -4.65 6.68
N SER B 136 -28.95 -4.15 6.39
CA SER B 136 -28.62 -2.77 6.69
C SER B 136 -28.32 -2.03 5.39
N LYS B 137 -28.15 -0.71 5.52
CA LYS B 137 -27.76 0.08 4.36
C LYS B 137 -26.37 -0.30 3.84
N GLY B 138 -25.60 -1.06 4.62
CA GLY B 138 -24.28 -1.45 4.20
C GLY B 138 -24.27 -2.31 2.95
N GLU B 139 -25.31 -3.12 2.75
CA GLU B 139 -25.33 -3.99 1.59
C GLU B 139 -25.24 -3.20 0.29
N LYS B 140 -26.05 -2.14 0.17
CA LYS B 140 -26.00 -1.31 -1.03
C LYS B 140 -24.78 -0.39 -1.04
N TYR B 141 -24.33 0.05 0.14
CA TYR B 141 -23.15 0.91 0.19
C TYR B 141 -21.91 0.16 -0.28
N LEU B 142 -21.86 -1.16 -0.05
CA LEU B 142 -20.79 -1.98 -0.59
C LEU B 142 -20.75 -1.90 -2.10
N GLN B 143 -21.91 -1.98 -2.74
CA GLN B 143 -21.94 -1.88 -4.20
C GLN B 143 -21.58 -0.48 -4.64
N THR B 144 -22.05 0.54 -3.90
CA THR B 144 -21.68 1.93 -4.18
C THR B 144 -20.17 2.12 -4.16
N ARG B 145 -19.47 1.43 -3.26
CA ARG B 145 -18.02 1.57 -3.13
C ARG B 145 -17.26 0.59 -4.02
N GLY B 146 -17.94 -0.12 -4.91
CA GLY B 146 -17.29 -0.92 -5.93
C GLY B 146 -17.11 -2.38 -5.62
N HIS B 147 -17.73 -2.89 -4.57
CA HIS B 147 -17.58 -4.30 -4.18
C HIS B 147 -18.74 -5.12 -4.74
N GLU B 148 -18.46 -6.39 -5.05
CA GLU B 148 -19.50 -7.31 -5.50
C GLU B 148 -20.15 -7.96 -4.29
N VAL B 149 -21.47 -7.90 -4.22
CA VAL B 149 -22.25 -8.54 -3.18
C VAL B 149 -23.11 -9.62 -3.82
N VAL B 150 -23.06 -10.81 -3.24
CA VAL B 150 -23.85 -11.94 -3.71
C VAL B 150 -24.70 -12.40 -2.54
N VAL B 151 -26.02 -12.36 -2.71
CA VAL B 151 -26.96 -12.94 -1.77
C VAL B 151 -27.38 -14.30 -2.31
N VAL B 152 -27.04 -15.37 -1.59
CA VAL B 152 -27.38 -16.72 -2.03
C VAL B 152 -28.75 -17.17 -1.56
N ASP B 153 -29.31 -16.54 -0.53
CA ASP B 153 -30.63 -16.90 0.02
C ASP B 153 -30.59 -18.32 0.59
N ASP B 154 -29.60 -18.59 1.42
CA ASP B 154 -29.43 -19.91 2.02
C ASP B 154 -30.50 -20.16 3.09
N GLU B 155 -31.19 -21.29 2.99
CA GLU B 155 -32.28 -21.59 3.90
C GLU B 155 -31.78 -22.07 5.26
N ARG B 156 -30.64 -22.77 5.30
CA ARG B 156 -30.08 -23.20 6.57
C ARG B 156 -29.73 -22.00 7.43
N CYS B 157 -29.12 -20.98 6.82
CA CYS B 157 -28.80 -19.74 7.53
C CYS B 157 -30.07 -19.07 8.03
N LYS B 158 -31.06 -18.89 7.15
CA LYS B 158 -32.33 -18.28 7.55
C LYS B 158 -32.94 -19.01 8.74
N LYS B 159 -32.96 -20.34 8.68
CA LYS B 159 -33.66 -21.12 9.69
C LYS B 159 -32.97 -20.99 11.05
N ILE B 160 -31.64 -21.13 11.09
CA ILE B 160 -30.95 -21.05 12.37
C ILE B 160 -31.02 -19.63 12.93
N MET B 161 -30.93 -18.62 12.07
CA MET B 161 -31.02 -17.25 12.53
C MET B 161 -32.43 -16.92 13.02
N LYS B 162 -33.45 -17.46 12.34
CA LYS B 162 -34.83 -17.18 12.75
C LYS B 162 -35.14 -17.88 14.07
N GLN B 163 -34.54 -19.03 14.32
CA GLN B 163 -34.76 -19.72 15.57
C GLN B 163 -34.21 -18.91 16.75
N PHE B 164 -32.96 -18.42 16.61
CA PHE B 164 -32.37 -17.63 17.68
C PHE B 164 -33.20 -16.38 17.96
N ILE B 165 -33.56 -15.65 16.91
CA ILE B 165 -34.37 -14.44 17.08
C ILE B 165 -35.64 -14.77 17.82
N ASP B 166 -36.33 -15.84 17.40
CA ASP B 166 -37.62 -16.17 17.98
C ASP B 166 -37.50 -16.54 19.45
N GLU B 167 -36.41 -17.21 19.84
CA GLU B 167 -36.29 -17.73 21.19
C GLU B 167 -35.50 -16.81 22.12
N ARG B 168 -34.72 -15.87 21.58
CA ARG B 168 -33.95 -14.93 22.42
C ARG B 168 -34.04 -13.52 21.84
N PRO B 169 -35.25 -12.99 21.63
CA PRO B 169 -35.37 -11.71 20.92
C PRO B 169 -34.65 -10.54 21.57
N GLN B 170 -34.66 -10.48 22.90
CA GLN B 170 -34.00 -9.35 23.58
C GLN B 170 -32.50 -9.37 23.34
N ASP B 171 -31.89 -10.57 23.34
CA ASP B 171 -30.48 -10.68 22.98
C ASP B 171 -30.22 -10.25 21.55
N TRP B 172 -31.20 -10.47 20.65
CA TRP B 172 -31.01 -10.15 19.25
C TRP B 172 -30.90 -8.65 19.02
N PHE B 173 -31.65 -7.84 19.77
CA PHE B 173 -31.64 -6.41 19.55
C PHE B 173 -30.35 -5.77 20.08
N GLU B 174 -29.70 -6.43 21.04
CA GLU B 174 -28.41 -5.95 21.52
C GLU B 174 -27.32 -6.02 20.45
N ASP B 175 -27.34 -7.06 19.60
CA ASP B 175 -26.28 -7.22 18.61
C ASP B 175 -26.32 -6.13 17.56
N ILE B 176 -27.52 -5.65 17.20
CA ILE B 176 -27.65 -4.61 16.19
C ILE B 176 -27.73 -3.21 16.79
N GLY B 177 -27.57 -3.08 18.10
CA GLY B 177 -27.54 -1.78 18.76
C GLY B 177 -28.85 -1.01 18.71
N GLU B 178 -29.97 -1.70 18.88
CA GLU B 178 -31.29 -1.05 18.79
C GLU B 178 -31.64 -0.33 20.10
N ALA C 29 39.33 -11.03 -13.80
CA ALA C 29 38.11 -11.61 -13.23
C ALA C 29 38.29 -11.84 -11.74
N SER C 30 37.18 -12.06 -11.04
CA SER C 30 37.19 -12.22 -9.59
C SER C 30 36.67 -13.60 -9.21
N LYS C 31 36.98 -14.00 -7.97
CA LYS C 31 36.58 -15.33 -7.50
C LYS C 31 35.07 -15.50 -7.56
N TRP C 32 34.32 -14.48 -7.20
CA TRP C 32 32.88 -14.63 -7.10
C TRP C 32 32.18 -14.59 -8.45
N ASP C 33 32.90 -14.41 -9.56
CA ASP C 33 32.23 -14.20 -10.84
C ASP C 33 31.46 -15.44 -11.28
N GLN C 34 32.05 -16.63 -11.11
CA GLN C 34 31.34 -17.85 -11.47
C GLN C 34 30.08 -18.03 -10.62
N LYS C 35 30.18 -17.70 -9.33
CA LYS C 35 29.01 -17.80 -8.47
C LYS C 35 27.93 -16.80 -8.87
N GLY C 36 28.33 -15.57 -9.24
CA GLY C 36 27.35 -14.55 -9.54
C GLY C 36 26.60 -14.80 -10.83
N MET C 37 27.29 -15.32 -11.85
CA MET C 37 26.62 -15.64 -13.11
C MET C 37 25.80 -16.91 -13.00
N ASP C 38 26.18 -17.83 -12.11
CA ASP C 38 25.36 -19.01 -11.86
C ASP C 38 24.03 -18.61 -11.23
N ILE C 39 24.08 -17.69 -10.26
CA ILE C 39 22.85 -17.24 -9.63
C ILE C 39 22.02 -16.40 -10.59
N ALA C 40 22.67 -15.51 -11.35
CA ALA C 40 21.92 -14.71 -12.32
C ALA C 40 21.26 -15.60 -13.36
N TYR C 41 21.93 -16.67 -13.79
CA TYR C 41 21.31 -17.59 -14.73
C TYR C 41 20.17 -18.36 -14.07
N GLU C 42 20.36 -18.78 -12.82
CA GLU C 42 19.28 -19.42 -12.07
C GLU C 42 18.04 -18.53 -12.04
N GLU C 43 18.22 -17.23 -11.81
CA GLU C 43 17.09 -16.31 -11.78
C GLU C 43 16.42 -16.19 -13.14
N ALA C 44 17.20 -16.11 -14.22
CA ALA C 44 16.61 -16.01 -15.55
C ALA C 44 15.86 -17.27 -15.91
N ALA C 45 16.44 -18.44 -15.61
CA ALA C 45 15.76 -19.71 -15.83
C ALA C 45 14.45 -19.76 -15.06
N LEU C 46 14.47 -19.30 -13.81
CA LEU C 46 13.28 -19.29 -12.98
C LEU C 46 12.21 -18.38 -13.55
N GLY C 47 12.61 -17.21 -14.05
CA GLY C 47 11.66 -16.31 -14.66
C GLY C 47 11.08 -16.87 -15.95
N TYR C 48 11.90 -17.60 -16.71
CA TYR C 48 11.41 -18.31 -17.88
C TYR C 48 10.33 -19.31 -17.49
N LYS C 49 10.59 -20.09 -16.44
CA LYS C 49 9.62 -21.09 -15.97
C LYS C 49 8.30 -20.45 -15.59
N GLU C 50 8.33 -19.22 -15.08
CA GLU C 50 7.15 -18.48 -14.69
C GLU C 50 6.41 -17.85 -15.86
N GLY C 51 6.96 -17.94 -17.07
CA GLY C 51 6.35 -17.32 -18.23
C GLY C 51 6.78 -15.90 -18.52
N GLY C 52 7.87 -15.45 -17.91
CA GLY C 52 8.37 -14.09 -18.11
C GLY C 52 9.66 -14.07 -18.91
N VAL C 53 10.21 -12.87 -19.04
CA VAL C 53 11.43 -12.66 -19.82
C VAL C 53 12.62 -13.27 -19.06
N PRO C 54 13.39 -14.17 -19.66
CA PRO C 54 14.54 -14.81 -18.98
C PRO C 54 15.72 -13.86 -18.84
N ILE C 55 15.59 -12.87 -17.96
CA ILE C 55 16.68 -11.98 -17.59
C ILE C 55 16.73 -11.96 -16.07
N GLY C 56 17.88 -12.37 -15.51
CA GLY C 56 18.03 -12.43 -14.06
C GLY C 56 19.33 -11.76 -13.64
N GLY C 57 19.45 -11.53 -12.35
CA GLY C 57 20.67 -10.96 -11.80
C GLY C 57 20.78 -11.17 -10.31
N CYS C 58 21.97 -10.87 -9.79
CA CYS C 58 22.18 -10.82 -8.36
C CYS C 58 23.26 -9.81 -8.05
N LEU C 59 23.24 -9.31 -6.82
CA LEU C 59 24.24 -8.38 -6.29
C LEU C 59 25.04 -9.10 -5.22
N ILE C 60 26.37 -9.09 -5.36
CA ILE C 60 27.25 -9.84 -4.48
C ILE C 60 28.26 -8.89 -3.85
N ASN C 61 28.50 -9.06 -2.56
CA ASN C 61 29.56 -8.33 -1.87
C ASN C 61 30.92 -8.82 -2.34
N ASN C 62 31.77 -7.90 -2.75
CA ASN C 62 33.05 -8.28 -3.36
C ASN C 62 34.00 -8.93 -2.34
N LYS C 63 33.89 -8.57 -1.06
CA LYS C 63 34.92 -9.04 -0.14
C LYS C 63 34.65 -10.44 0.40
N ASP C 64 33.41 -10.75 0.78
CA ASP C 64 33.12 -12.08 1.31
C ASP C 64 32.27 -12.95 0.40
N GLY C 65 31.79 -12.43 -0.72
CA GLY C 65 30.98 -13.21 -1.63
C GLY C 65 29.54 -13.40 -1.22
N SER C 66 29.07 -12.65 -0.23
CA SER C 66 27.68 -12.79 0.21
C SER C 66 26.72 -12.19 -0.82
N VAL C 67 25.62 -12.90 -1.07
CA VAL C 67 24.57 -12.45 -1.98
C VAL C 67 23.65 -11.50 -1.21
N LEU C 68 23.71 -10.21 -1.58
CA LEU C 68 22.81 -9.21 -1.00
C LEU C 68 21.39 -9.29 -1.57
N GLY C 69 21.21 -9.91 -2.73
CA GLY C 69 19.90 -10.04 -3.33
C GLY C 69 19.95 -10.65 -4.72
N ARG C 70 18.80 -11.12 -5.20
CA ARG C 70 18.71 -11.67 -6.55
C ARG C 70 17.29 -11.44 -7.07
N GLY C 71 17.16 -11.42 -8.40
CA GLY C 71 15.87 -11.18 -9.00
C GLY C 71 15.90 -11.43 -10.49
N HIS C 72 14.71 -11.39 -11.09
CA HIS C 72 14.55 -11.53 -12.52
C HIS C 72 13.46 -10.58 -12.99
N ASN C 73 13.34 -10.47 -14.31
CA ASN C 73 12.37 -9.55 -14.89
C ASN C 73 10.95 -9.93 -14.47
N MET C 74 10.17 -8.92 -14.10
CA MET C 74 8.81 -9.11 -13.59
C MET C 74 7.77 -8.41 -14.47
N ARG C 75 8.08 -8.22 -15.75
CA ARG C 75 7.16 -7.52 -16.64
C ARG C 75 5.83 -8.25 -16.74
N PHE C 76 5.88 -9.56 -16.98
CA PHE C 76 4.66 -10.34 -17.12
C PHE C 76 4.15 -10.83 -15.78
N GLN C 77 5.07 -11.19 -14.88
CA GLN C 77 4.66 -11.73 -13.58
C GLN C 77 3.86 -10.72 -12.77
N LYS C 78 4.13 -9.42 -12.91
CA LYS C 78 3.43 -8.40 -12.15
C LYS C 78 2.81 -7.30 -13.01
N GLY C 79 2.84 -7.43 -14.33
CA GLY C 79 2.38 -6.33 -15.17
C GLY C 79 3.18 -5.07 -14.95
N SER C 80 4.48 -5.22 -14.67
CA SER C 80 5.34 -4.12 -14.28
C SER C 80 6.09 -3.53 -15.47
N ALA C 81 6.17 -2.21 -15.50
CA ALA C 81 6.92 -1.49 -16.53
C ALA C 81 8.38 -1.27 -16.14
N THR C 82 8.68 -1.21 -14.83
CA THR C 82 10.01 -0.85 -14.38
C THR C 82 10.82 -2.03 -13.84
N LEU C 83 10.20 -3.17 -13.57
CA LEU C 83 10.90 -4.26 -12.89
C LEU C 83 11.68 -5.11 -13.89
N HIS C 84 12.71 -4.49 -14.47
CA HIS C 84 13.71 -5.23 -15.22
C HIS C 84 14.53 -6.09 -14.24
N GLY C 85 15.30 -7.02 -14.80
CA GLY C 85 16.12 -7.89 -13.97
C GLY C 85 17.00 -7.13 -12.99
N VAL C 86 17.66 -6.07 -13.46
CA VAL C 86 18.55 -5.32 -12.60
C VAL C 86 17.76 -4.55 -11.54
N ILE C 87 16.64 -3.94 -11.93
CA ILE C 87 15.81 -3.21 -10.98
C ILE C 87 15.18 -4.17 -9.98
N SER C 88 14.71 -5.33 -10.46
CA SER C 88 14.18 -6.34 -9.55
C SER C 88 15.24 -6.79 -8.56
N THR C 89 16.46 -7.04 -9.04
CA THR C 89 17.55 -7.45 -8.15
C THR C 89 17.81 -6.41 -7.07
N LEU C 90 17.95 -5.14 -7.47
CA LEU C 90 18.21 -4.09 -6.49
C LEU C 90 17.05 -3.94 -5.52
N GLU C 91 15.82 -4.06 -6.03
CA GLU C 91 14.65 -3.95 -5.15
C GLU C 91 14.67 -5.05 -4.11
N ASN C 92 15.10 -6.26 -4.48
CA ASN C 92 15.15 -7.39 -3.56
C ASN C 92 16.31 -7.32 -2.59
N CYS C 93 17.22 -6.35 -2.73
CA CYS C 93 18.22 -6.10 -1.69
C CYS C 93 17.69 -5.20 -0.58
N GLY C 94 16.58 -4.50 -0.83
CA GLY C 94 16.01 -3.61 0.14
C GLY C 94 16.79 -2.31 0.25
N ARG C 95 16.32 -1.45 1.16
CA ARG C 95 17.01 -0.20 1.45
C ARG C 95 18.37 -0.50 2.07
N LEU C 96 19.42 0.00 1.44
CA LEU C 96 20.77 -0.16 1.93
C LEU C 96 21.41 1.21 2.09
N GLU C 97 22.46 1.26 2.91
CA GLU C 97 23.28 2.44 3.01
C GLU C 97 24.15 2.55 1.76
N GLY C 98 24.41 3.79 1.34
CA GLY C 98 25.14 4.01 0.09
C GLY C 98 26.53 3.40 0.08
N LYS C 99 27.13 3.27 1.27
CA LYS C 99 28.46 2.68 1.36
C LYS C 99 28.44 1.20 0.98
N VAL C 100 27.32 0.50 1.21
CA VAL C 100 27.27 -0.94 0.94
C VAL C 100 27.49 -1.21 -0.55
N TYR C 101 26.88 -0.39 -1.41
CA TYR C 101 26.97 -0.60 -2.85
C TYR C 101 28.39 -0.41 -3.37
N LYS C 102 29.19 0.39 -2.66
CA LYS C 102 30.49 0.82 -3.18
C LYS C 102 31.44 -0.33 -3.48
N ASP C 103 31.26 -1.49 -2.84
CA ASP C 103 32.15 -2.63 -3.03
C ASP C 103 31.37 -3.89 -3.37
N THR C 104 30.46 -3.78 -4.34
CA THR C 104 29.71 -4.93 -4.81
C THR C 104 29.95 -5.10 -6.30
N THR C 105 29.55 -6.27 -6.80
CA THR C 105 29.42 -6.51 -8.23
C THR C 105 27.98 -6.87 -8.51
N LEU C 106 27.38 -6.21 -9.49
CA LEU C 106 26.06 -6.61 -9.99
C LEU C 106 26.25 -7.50 -11.21
N TYR C 107 25.63 -8.68 -11.16
CA TYR C 107 25.66 -9.64 -12.25
C TYR C 107 24.32 -9.62 -12.97
N THR C 108 24.35 -9.60 -14.29
CA THR C 108 23.15 -9.66 -15.09
C THR C 108 23.37 -10.53 -16.31
N THR C 109 22.32 -11.27 -16.71
CA THR C 109 22.43 -12.18 -17.84
C THR C 109 22.44 -11.46 -19.18
N LEU C 110 22.02 -10.20 -19.21
CA LEU C 110 21.89 -9.44 -20.45
C LEU C 110 22.39 -8.03 -20.23
N SER C 111 22.95 -7.44 -21.28
CA SER C 111 23.46 -6.07 -21.22
C SER C 111 22.37 -5.14 -20.71
N PRO C 112 22.68 -4.23 -19.79
CA PRO C 112 21.64 -3.39 -19.18
C PRO C 112 21.23 -2.21 -20.05
N CYS C 113 19.92 -1.93 -20.02
CA CYS C 113 19.35 -0.76 -20.69
C CYS C 113 19.77 0.51 -19.95
N ASP C 114 19.34 1.65 -20.51
CA ASP C 114 19.74 2.95 -19.98
C ASP C 114 19.21 3.18 -18.57
N MET C 115 18.05 2.63 -18.23
CA MET C 115 17.49 2.77 -16.89
C MET C 115 18.28 1.95 -15.87
N CYS C 116 18.53 0.68 -16.18
CA CYS C 116 19.35 -0.14 -15.28
C CYS C 116 20.76 0.39 -15.21
N THR C 117 21.30 0.89 -16.32
CA THR C 117 22.62 1.50 -16.29
C THR C 117 22.66 2.66 -15.31
N GLY C 118 21.63 3.50 -15.32
CA GLY C 118 21.57 4.62 -14.40
C GLY C 118 21.41 4.20 -12.96
N ALA C 119 20.67 3.10 -12.72
CA ALA C 119 20.59 2.55 -11.36
C ALA C 119 21.98 2.16 -10.87
N ILE C 120 22.78 1.51 -11.73
CA ILE C 120 24.13 1.12 -11.36
C ILE C 120 24.97 2.35 -11.06
N ILE C 121 24.84 3.38 -11.89
CA ILE C 121 25.62 4.60 -11.71
C ILE C 121 25.16 5.35 -10.46
N MET C 122 23.85 5.44 -10.25
CA MET C 122 23.32 6.19 -9.12
C MET C 122 23.75 5.57 -7.80
N TYR C 123 23.78 4.26 -7.72
CA TYR C 123 24.17 3.58 -6.52
C TYR C 123 25.67 3.40 -6.38
N GLY C 124 26.40 3.68 -7.44
CA GLY C 124 27.84 3.59 -7.39
C GLY C 124 28.38 2.18 -7.33
N ILE C 125 27.61 1.21 -7.82
CA ILE C 125 28.07 -0.17 -7.94
C ILE C 125 29.26 -0.22 -8.90
N PRO C 126 30.47 -0.52 -8.41
CA PRO C 126 31.66 -0.29 -9.24
C PRO C 126 31.82 -1.30 -10.35
N ARG C 127 31.26 -2.50 -10.21
CA ARG C 127 31.52 -3.59 -11.14
C ARG C 127 30.19 -4.14 -11.64
N CYS C 128 30.11 -4.31 -12.95
CA CYS C 128 28.98 -4.97 -13.60
C CYS C 128 29.53 -6.07 -14.49
N VAL C 129 29.00 -7.29 -14.32
CA VAL C 129 29.36 -8.44 -15.13
C VAL C 129 28.14 -8.83 -15.93
N VAL C 130 28.29 -8.87 -17.26
CA VAL C 130 27.19 -9.06 -18.19
C VAL C 130 27.34 -10.43 -18.85
N GLY C 131 26.28 -11.24 -18.77
CA GLY C 131 26.31 -12.55 -19.41
C GLY C 131 26.54 -12.46 -20.91
N GLU C 132 25.79 -11.61 -21.59
CA GLU C 132 25.90 -11.52 -23.04
C GLU C 132 25.29 -10.21 -23.52
N ASN C 133 25.88 -9.66 -24.57
CA ASN C 133 25.37 -8.46 -25.22
C ASN C 133 25.12 -8.71 -26.71
N VAL C 134 24.71 -9.92 -27.06
CA VAL C 134 24.45 -10.29 -28.45
C VAL C 134 22.97 -10.20 -28.79
N ASN C 135 22.09 -10.63 -27.88
CA ASN C 135 20.65 -10.47 -28.13
C ASN C 135 20.19 -9.04 -27.89
N PHE C 136 20.96 -8.24 -27.13
CA PHE C 136 20.63 -6.85 -26.88
C PHE C 136 21.87 -6.15 -26.37
N LYS C 137 22.06 -4.91 -26.83
CA LYS C 137 23.16 -4.08 -26.36
C LYS C 137 22.68 -2.64 -26.35
N SER C 138 22.98 -1.92 -25.27
CA SER C 138 22.54 -0.54 -25.11
C SER C 138 23.73 0.40 -25.05
N LYS C 139 23.45 1.69 -25.25
CA LYS C 139 24.46 2.72 -25.02
C LYS C 139 24.92 2.75 -23.57
N GLY C 140 24.17 2.13 -22.66
CA GLY C 140 24.53 2.16 -21.26
C GLY C 140 25.82 1.41 -20.95
N GLU C 141 26.12 0.38 -21.74
CA GLU C 141 27.36 -0.37 -21.56
C GLU C 141 28.57 0.54 -21.66
N LYS C 142 28.64 1.32 -22.74
CA LYS C 142 29.73 2.28 -22.90
C LYS C 142 29.64 3.38 -21.85
N TYR C 143 28.42 3.87 -21.58
CA TYR C 143 28.24 4.96 -20.62
C TYR C 143 28.69 4.55 -19.22
N LEU C 144 28.51 3.28 -18.87
CA LEU C 144 29.05 2.77 -17.61
C LEU C 144 30.57 2.98 -17.56
N GLN C 145 31.27 2.57 -18.62
CA GLN C 145 32.72 2.74 -18.65
C GLN C 145 33.10 4.22 -18.62
N THR C 146 32.30 5.06 -19.28
CA THR C 146 32.57 6.50 -19.28
C THR C 146 32.50 7.07 -17.87
N ARG C 147 31.60 6.53 -17.04
CA ARG C 147 31.39 7.02 -15.69
C ARG C 147 32.28 6.30 -14.67
N GLY C 148 33.24 5.51 -15.12
CA GLY C 148 34.21 4.90 -14.25
C GLY C 148 33.90 3.52 -13.75
N HIS C 149 32.91 2.84 -14.34
CA HIS C 149 32.51 1.51 -13.91
C HIS C 149 33.20 0.45 -14.76
N GLU C 150 33.58 -0.65 -14.11
CA GLU C 150 34.10 -1.80 -14.85
C GLU C 150 32.95 -2.62 -15.41
N VAL C 151 32.96 -2.82 -16.73
CA VAL C 151 31.98 -3.66 -17.41
C VAL C 151 32.71 -4.86 -17.99
N VAL C 152 32.27 -6.06 -17.60
CA VAL C 152 32.85 -7.33 -18.05
C VAL C 152 31.76 -8.09 -18.78
N VAL C 153 32.00 -8.41 -20.05
CA VAL C 153 31.10 -9.23 -20.84
C VAL C 153 31.70 -10.61 -20.96
N VAL C 154 31.06 -11.61 -20.35
CA VAL C 154 31.60 -12.96 -20.37
C VAL C 154 31.23 -13.75 -21.62
N ASP C 155 30.22 -13.30 -22.37
CA ASP C 155 29.72 -14.02 -23.55
C ASP C 155 29.32 -15.44 -23.19
N ASP C 156 28.45 -15.56 -22.19
CA ASP C 156 27.96 -16.86 -21.72
C ASP C 156 26.90 -17.42 -22.66
N GLU C 157 27.12 -18.66 -23.12
CA GLU C 157 26.20 -19.24 -24.09
C GLU C 157 24.90 -19.71 -23.45
N ARG C 158 24.92 -20.05 -22.16
CA ARG C 158 23.66 -20.38 -21.47
C ARG C 158 22.68 -19.23 -21.56
N CYS C 159 23.16 -18.02 -21.27
CA CYS C 159 22.30 -16.83 -21.32
C CYS C 159 21.82 -16.57 -22.74
N LYS C 160 22.73 -16.67 -23.72
CA LYS C 160 22.36 -16.44 -25.11
C LYS C 160 21.30 -17.42 -25.57
N LYS C 161 21.44 -18.70 -25.20
CA LYS C 161 20.51 -19.73 -25.66
C LYS C 161 19.11 -19.46 -25.11
N ILE C 162 19.00 -19.25 -23.79
CA ILE C 162 17.69 -19.10 -23.17
C ILE C 162 17.02 -17.80 -23.63
N MET C 163 17.81 -16.73 -23.80
CA MET C 163 17.25 -15.49 -24.32
C MET C 163 16.79 -15.68 -25.76
N LYS C 164 17.59 -16.38 -26.57
CA LYS C 164 17.21 -16.62 -27.97
C LYS C 164 15.96 -17.49 -28.04
N GLN C 165 15.87 -18.48 -27.15
CA GLN C 165 14.68 -19.32 -27.09
C GLN C 165 13.43 -18.49 -26.87
N PHE C 166 13.45 -17.62 -25.85
CA PHE C 166 12.29 -16.79 -25.55
C PHE C 166 11.92 -15.91 -26.75
N ILE C 167 12.92 -15.31 -27.39
CA ILE C 167 12.65 -14.46 -28.55
C ILE C 167 12.04 -15.27 -29.67
N ASP C 168 12.54 -16.49 -29.89
CA ASP C 168 12.00 -17.36 -30.92
C ASP C 168 10.52 -17.63 -30.68
N GLU C 169 10.16 -18.02 -29.45
CA GLU C 169 8.82 -18.49 -29.15
C GLU C 169 7.82 -17.36 -28.96
N ARG C 170 8.26 -16.21 -28.45
CA ARG C 170 7.37 -15.08 -28.17
C ARG C 170 7.96 -13.78 -28.71
N PRO C 171 8.25 -13.72 -30.02
CA PRO C 171 8.89 -12.52 -30.58
C PRO C 171 8.05 -11.28 -30.42
N GLN C 172 6.72 -11.43 -30.33
CA GLN C 172 5.84 -10.29 -30.19
C GLN C 172 6.03 -9.61 -28.84
N ASP C 173 6.39 -10.38 -27.80
CA ASP C 173 6.66 -9.80 -26.49
C ASP C 173 8.03 -9.14 -26.45
N TRP C 174 8.96 -9.61 -27.27
CA TRP C 174 10.34 -9.14 -27.17
C TRP C 174 10.50 -7.76 -27.80
N PHE C 175 10.25 -7.66 -29.11
CA PHE C 175 10.63 -6.47 -29.86
C PHE C 175 9.80 -5.24 -29.48
N GLU C 176 8.56 -5.45 -29.01
CA GLU C 176 7.78 -4.35 -28.46
C GLU C 176 8.46 -3.76 -27.23
N ASP C 177 9.07 -4.62 -26.41
CA ASP C 177 9.57 -4.24 -25.09
C ASP C 177 10.86 -3.43 -25.20
N ILE C 178 11.83 -3.95 -25.93
CA ILE C 178 13.06 -3.22 -26.21
C ILE C 178 12.86 -2.36 -27.46
N SER D 28 4.75 24.32 -23.26
CA SER D 28 3.46 23.69 -23.56
C SER D 28 2.39 24.16 -22.58
N LYS D 29 1.13 24.02 -22.98
CA LYS D 29 0.02 24.52 -22.18
C LYS D 29 -0.18 23.69 -20.92
N TRP D 30 0.22 22.43 -20.95
CA TRP D 30 0.01 21.51 -19.84
C TRP D 30 1.05 21.63 -18.74
N ASP D 31 2.00 22.55 -18.88
CA ASP D 31 3.10 22.62 -17.92
C ASP D 31 2.61 23.03 -16.54
N GLN D 32 1.69 23.99 -16.47
CA GLN D 32 1.13 24.37 -15.18
C GLN D 32 0.33 23.22 -14.58
N LYS D 33 -0.46 22.53 -15.40
CA LYS D 33 -1.19 21.36 -14.93
C LYS D 33 -0.24 20.28 -14.43
N GLY D 34 0.79 19.96 -15.22
CA GLY D 34 1.70 18.88 -14.86
C GLY D 34 2.43 19.13 -13.56
N MET D 35 2.98 20.34 -13.38
CA MET D 35 3.72 20.63 -12.17
C MET D 35 2.81 20.74 -10.96
N ASP D 36 1.55 21.14 -11.14
CA ASP D 36 0.59 21.12 -10.05
C ASP D 36 0.33 19.70 -9.55
N ILE D 37 0.12 18.78 -10.48
CA ILE D 37 -0.08 17.38 -10.11
C ILE D 37 1.18 16.82 -9.47
N ALA D 38 2.35 17.15 -10.04
CA ALA D 38 3.61 16.68 -9.48
C ALA D 38 3.80 17.19 -8.06
N TYR D 39 3.47 18.47 -7.79
CA TYR D 39 3.60 18.97 -6.44
C TYR D 39 2.58 18.33 -5.51
N GLU D 40 1.36 18.13 -6.00
CA GLU D 40 0.36 17.40 -5.23
C GLU D 40 0.90 16.04 -4.78
N GLU D 41 1.56 15.32 -5.69
CA GLU D 41 2.10 14.01 -5.33
C GLU D 41 3.21 14.15 -4.28
N ALA D 42 4.03 15.19 -4.38
CA ALA D 42 5.11 15.38 -3.42
C ALA D 42 4.57 15.71 -2.03
N ALA D 43 3.52 16.54 -1.97
CA ALA D 43 2.86 16.82 -0.70
C ALA D 43 2.24 15.56 -0.11
N LEU D 44 1.61 14.75 -0.96
CA LEU D 44 1.03 13.50 -0.48
C LEU D 44 2.12 12.57 0.05
N GLY D 45 3.26 12.51 -0.64
CA GLY D 45 4.37 11.72 -0.15
C GLY D 45 4.92 12.23 1.17
N TYR D 46 5.07 13.55 1.30
CA TYR D 46 5.45 14.15 2.57
C TYR D 46 4.49 13.74 3.68
N LYS D 47 3.18 13.86 3.38
CA LYS D 47 2.15 13.47 4.33
C LYS D 47 2.29 12.02 4.77
N GLU D 48 2.77 11.15 3.88
CA GLU D 48 2.92 9.73 4.21
C GLU D 48 4.24 9.43 4.92
N GLY D 49 5.05 10.44 5.22
CA GLY D 49 6.29 10.26 5.93
C GLY D 49 7.51 10.06 5.06
N GLY D 50 7.35 10.06 3.73
CA GLY D 50 8.43 9.77 2.82
C GLY D 50 9.08 11.03 2.26
N VAL D 51 9.88 10.84 1.22
CA VAL D 51 10.61 11.96 0.61
C VAL D 51 9.64 12.74 -0.29
N PRO D 52 9.58 14.06 -0.17
CA PRO D 52 8.60 14.82 -0.98
C PRO D 52 9.07 15.07 -2.41
N ILE D 53 9.07 14.01 -3.21
CA ILE D 53 9.35 14.11 -4.64
C ILE D 53 8.20 13.42 -5.37
N GLY D 54 7.47 14.18 -6.20
CA GLY D 54 6.36 13.63 -6.96
C GLY D 54 6.54 13.90 -8.44
N GLY D 55 5.65 13.30 -9.23
CA GLY D 55 5.64 13.58 -10.65
C GLY D 55 4.40 13.02 -11.31
N CYS D 56 4.27 13.34 -12.61
CA CYS D 56 3.22 12.75 -13.44
C CYS D 56 3.66 12.76 -14.90
N LEU D 57 3.07 11.85 -15.67
CA LEU D 57 3.28 11.75 -17.10
C LEU D 57 2.03 12.25 -17.81
N ILE D 58 2.19 13.28 -18.64
CA ILE D 58 1.07 13.94 -19.30
C ILE D 58 1.21 13.76 -20.80
N ASN D 59 0.15 13.29 -21.44
CA ASN D 59 0.11 13.22 -22.91
C ASN D 59 0.11 14.64 -23.47
N ASN D 60 1.10 14.94 -24.32
CA ASN D 60 1.20 16.28 -24.89
C ASN D 60 0.02 16.61 -25.79
N LYS D 61 -0.57 15.59 -26.43
CA LYS D 61 -1.68 15.77 -27.37
C LYS D 61 -2.85 16.47 -26.70
N ASP D 62 -3.51 15.79 -25.76
CA ASP D 62 -4.73 16.28 -25.14
C ASP D 62 -4.57 16.66 -23.69
N GLY D 63 -3.39 16.49 -23.11
CA GLY D 63 -3.20 16.78 -21.70
C GLY D 63 -3.69 15.70 -20.76
N SER D 64 -3.94 14.50 -21.26
CA SER D 64 -4.30 13.39 -20.38
C SER D 64 -3.17 13.08 -19.41
N VAL D 65 -3.53 12.81 -18.16
CA VAL D 65 -2.59 12.32 -17.16
C VAL D 65 -2.54 10.80 -17.28
N LEU D 66 -1.40 10.27 -17.75
CA LEU D 66 -1.25 8.83 -17.93
C LEU D 66 -0.87 8.12 -16.64
N GLY D 67 -0.42 8.86 -15.64
CA GLY D 67 -0.01 8.28 -14.38
C GLY D 67 0.65 9.30 -13.48
N ARG D 68 0.62 9.06 -12.17
CA ARG D 68 1.26 9.94 -11.21
C ARG D 68 1.80 9.09 -10.05
N GLY D 69 2.74 9.67 -9.32
CA GLY D 69 3.34 8.96 -8.21
C GLY D 69 4.32 9.86 -7.48
N HIS D 70 4.81 9.34 -6.36
CA HIS D 70 5.82 10.03 -5.58
C HIS D 70 6.81 9.00 -5.08
N ASN D 71 7.88 9.50 -4.46
CA ASN D 71 8.94 8.64 -3.95
C ASN D 71 8.39 7.69 -2.88
N MET D 72 8.61 6.40 -3.09
CA MET D 72 8.09 5.35 -2.22
C MET D 72 9.19 4.65 -1.42
N ARG D 73 10.35 5.30 -1.25
CA ARG D 73 11.46 4.65 -0.57
C ARG D 73 11.07 4.22 0.84
N PHE D 74 10.50 5.14 1.62
CA PHE D 74 10.17 4.84 3.01
C PHE D 74 8.79 4.21 3.16
N GLN D 75 7.84 4.59 2.29
CA GLN D 75 6.51 3.99 2.34
C GLN D 75 6.59 2.47 2.19
N LYS D 76 7.42 2.00 1.26
CA LYS D 76 7.44 0.58 0.90
C LYS D 76 8.81 -0.06 1.09
N GLY D 77 9.74 0.58 1.78
CA GLY D 77 11.08 0.03 1.91
C GLY D 77 11.71 -0.25 0.57
N SER D 78 11.50 0.62 -0.40
CA SER D 78 11.90 0.38 -1.79
C SER D 78 13.19 1.12 -2.09
N ALA D 79 14.14 0.41 -2.71
CA ALA D 79 15.37 1.04 -3.14
C ALA D 79 15.27 1.66 -4.53
N THR D 80 14.22 1.34 -5.30
CA THR D 80 14.16 1.78 -6.68
C THR D 80 13.01 2.74 -7.00
N LEU D 81 12.03 2.89 -6.11
CA LEU D 81 10.81 3.62 -6.45
C LEU D 81 10.98 5.12 -6.14
N HIS D 82 11.84 5.75 -6.92
CA HIS D 82 11.91 7.21 -6.89
C HIS D 82 10.62 7.78 -7.51
N GLY D 83 10.43 9.09 -7.34
CA GLY D 83 9.21 9.72 -7.83
C GLY D 83 8.98 9.47 -9.30
N GLU D 84 10.05 9.49 -10.10
CA GLU D 84 9.92 9.30 -11.53
C GLU D 84 9.67 7.83 -11.88
N ILE D 85 10.36 6.92 -11.18
CA ILE D 85 10.14 5.49 -11.37
C ILE D 85 8.74 5.10 -10.91
N SER D 86 8.31 5.62 -9.75
CA SER D 86 6.96 5.37 -9.27
C SER D 86 5.92 5.84 -10.27
N THR D 87 6.09 7.06 -10.78
CA THR D 87 5.15 7.59 -11.77
C THR D 87 5.05 6.69 -12.99
N LEU D 88 6.19 6.26 -13.54
CA LEU D 88 6.17 5.38 -14.70
C LEU D 88 5.54 4.03 -14.38
N GLU D 89 5.84 3.50 -13.19
CA GLU D 89 5.21 2.24 -12.79
C GLU D 89 3.69 2.37 -12.73
N ASN D 90 3.20 3.53 -12.28
CA ASN D 90 1.77 3.78 -12.13
C ASN D 90 1.07 4.07 -13.44
N CYS D 91 1.81 4.17 -14.55
CA CYS D 91 1.19 4.24 -15.88
C CYS D 91 0.86 2.87 -16.45
N GLY D 92 1.38 1.79 -15.85
CA GLY D 92 1.26 0.47 -16.42
C GLY D 92 2.08 0.36 -17.70
N ARG D 93 2.00 -0.82 -18.33
CA ARG D 93 2.69 -1.03 -19.59
C ARG D 93 1.95 -0.30 -20.71
N LEU D 94 2.63 0.66 -21.33
CA LEU D 94 2.11 1.40 -22.47
C LEU D 94 2.88 1.01 -23.73
N GLU D 95 2.24 1.22 -24.88
CA GLU D 95 2.96 1.09 -26.14
C GLU D 95 3.99 2.20 -26.27
N GLY D 96 5.10 1.86 -26.94
CA GLY D 96 6.19 2.81 -27.07
C GLY D 96 5.76 4.12 -27.72
N LYS D 97 4.80 4.06 -28.65
CA LYS D 97 4.35 5.28 -29.32
C LYS D 97 3.79 6.29 -28.33
N VAL D 98 3.11 5.79 -27.29
CA VAL D 98 2.49 6.68 -26.30
C VAL D 98 3.55 7.58 -25.67
N TYR D 99 4.66 6.98 -25.25
CA TYR D 99 5.69 7.73 -24.53
C TYR D 99 6.28 8.85 -25.38
N LYS D 100 6.31 8.68 -26.71
CA LYS D 100 7.09 9.54 -27.59
C LYS D 100 6.48 10.92 -27.80
N ASP D 101 5.24 11.15 -27.35
CA ASP D 101 4.66 12.50 -27.33
C ASP D 101 4.10 12.79 -25.94
N THR D 102 4.95 12.64 -24.93
CA THR D 102 4.58 12.96 -23.55
C THR D 102 5.60 13.91 -22.95
N THR D 103 5.23 14.47 -21.81
CA THR D 103 6.12 15.22 -20.94
C THR D 103 6.03 14.61 -19.55
N LEU D 104 7.18 14.32 -18.96
CA LEU D 104 7.26 13.84 -17.58
C LEU D 104 7.58 15.03 -16.68
N TYR D 105 6.71 15.29 -15.71
CA TYR D 105 6.90 16.36 -14.76
C TYR D 105 7.45 15.79 -13.47
N THR D 106 8.46 16.45 -12.91
CA THR D 106 9.05 16.03 -11.64
C THR D 106 9.33 17.26 -10.80
N THR D 107 9.15 17.13 -9.49
CA THR D 107 9.42 18.23 -8.58
C THR D 107 10.91 18.46 -8.36
N LEU D 108 11.75 17.45 -8.63
CA LEU D 108 13.17 17.55 -8.38
C LEU D 108 13.96 17.04 -9.56
N SER D 109 15.16 17.59 -9.74
CA SER D 109 16.02 17.16 -10.83
C SER D 109 16.26 15.66 -10.73
N PRO D 110 16.22 14.93 -11.84
CA PRO D 110 16.30 13.47 -11.76
C PRO D 110 17.73 12.97 -11.62
N CYS D 111 17.90 11.93 -10.82
CA CYS D 111 19.16 11.24 -10.66
C CYS D 111 19.50 10.44 -11.92
N ASP D 112 20.62 9.71 -11.87
CA ASP D 112 21.06 8.94 -13.04
C ASP D 112 20.10 7.79 -13.37
N MET D 113 19.46 7.20 -12.35
CA MET D 113 18.47 6.15 -12.59
C MET D 113 17.26 6.69 -13.34
N CYS D 114 16.63 7.73 -12.79
CA CYS D 114 15.43 8.27 -13.43
C CYS D 114 15.77 8.93 -14.76
N THR D 115 16.97 9.51 -14.89
CA THR D 115 17.43 9.97 -16.20
C THR D 115 17.43 8.82 -17.19
N GLY D 116 17.95 7.66 -16.78
CA GLY D 116 17.98 6.51 -17.68
C GLY D 116 16.60 6.00 -18.04
N ALA D 117 15.66 6.08 -17.09
CA ALA D 117 14.28 5.68 -17.39
C ALA D 117 13.69 6.56 -18.48
N ILE D 118 13.83 7.88 -18.33
CA ILE D 118 13.35 8.83 -19.33
C ILE D 118 13.95 8.51 -20.69
N ILE D 119 15.28 8.36 -20.73
CA ILE D 119 15.96 8.03 -21.98
C ILE D 119 15.44 6.71 -22.54
N TRP D 120 15.22 5.73 -21.66
CA TRP D 120 14.90 4.39 -22.13
C TRP D 120 13.50 4.32 -22.74
N TYR D 121 12.54 5.02 -22.15
CA TYR D 121 11.18 4.99 -22.69
C TYR D 121 11.00 5.92 -23.89
N GLY D 122 11.92 6.85 -24.09
CA GLY D 122 11.80 7.78 -25.20
C GLY D 122 10.95 8.98 -24.89
N ILE D 123 10.82 9.34 -23.62
CA ILE D 123 10.01 10.51 -23.25
C ILE D 123 10.73 11.77 -23.71
N PRO D 124 10.16 12.51 -24.68
CA PRO D 124 10.91 13.65 -25.23
C PRO D 124 11.02 14.82 -24.28
N ARG D 125 10.05 15.02 -23.40
CA ARG D 125 10.05 16.24 -22.62
C ARG D 125 10.05 15.94 -21.13
N CYS D 126 10.87 16.69 -20.41
CA CYS D 126 11.00 16.57 -18.96
C CYS D 126 11.02 17.96 -18.36
N VAL D 127 10.05 18.24 -17.47
CA VAL D 127 9.93 19.53 -16.78
C VAL D 127 10.26 19.35 -15.30
N VAL D 128 11.24 20.09 -14.81
CA VAL D 128 11.80 19.93 -13.47
C VAL D 128 11.37 21.11 -12.60
N GLY D 129 10.83 20.80 -11.41
CA GLY D 129 10.41 21.84 -10.51
C GLY D 129 11.56 22.70 -10.02
N GLU D 130 12.68 22.08 -9.68
CA GLU D 130 13.83 22.81 -9.19
C GLU D 130 15.05 21.90 -9.18
N ASN D 131 16.23 22.52 -9.26
CA ASN D 131 17.50 21.80 -9.20
C ASN D 131 18.47 22.49 -8.25
N VAL D 132 17.96 23.10 -7.19
CA VAL D 132 18.78 23.81 -6.21
C VAL D 132 19.13 22.93 -5.03
N ASN D 133 18.18 22.13 -4.55
CA ASN D 133 18.45 21.18 -3.47
C ASN D 133 19.18 19.94 -3.95
N PHE D 134 19.07 19.62 -5.24
CA PHE D 134 19.71 18.45 -5.82
C PHE D 134 19.84 18.65 -7.32
N LYS D 135 21.00 18.28 -7.86
CA LYS D 135 21.24 18.29 -9.29
C LYS D 135 22.26 17.21 -9.60
N SER D 136 22.00 16.41 -10.63
CA SER D 136 22.87 15.31 -11.00
C SER D 136 23.33 15.47 -12.46
N LYS D 137 24.34 14.67 -12.83
CA LYS D 137 24.84 14.67 -14.21
C LYS D 137 23.77 14.29 -15.22
N GLY D 138 22.67 13.69 -14.77
CA GLY D 138 21.65 13.24 -15.70
C GLY D 138 20.94 14.37 -16.41
N GLU D 139 20.82 15.53 -15.75
CA GLU D 139 20.19 16.69 -16.38
C GLU D 139 20.92 17.07 -17.67
N LYS D 140 22.26 17.16 -17.60
CA LYS D 140 23.04 17.44 -18.80
C LYS D 140 23.02 16.25 -19.74
N TYR D 141 23.10 15.03 -19.21
CA TYR D 141 23.09 13.82 -20.03
C TYR D 141 21.79 13.71 -20.82
N LEU D 142 20.69 14.21 -20.25
CA LEU D 142 19.40 14.17 -20.95
C LEU D 142 19.48 14.97 -22.25
N GLN D 143 20.00 16.18 -22.18
CA GLN D 143 20.20 16.98 -23.39
C GLN D 143 21.17 16.30 -24.34
N THR D 144 22.26 15.76 -23.81
CA THR D 144 23.24 15.06 -24.65
C THR D 144 22.58 13.98 -25.50
N ARG D 145 21.57 13.31 -24.95
CA ARG D 145 20.88 12.23 -25.63
C ARG D 145 19.69 12.71 -26.47
N GLY D 146 19.45 14.02 -26.54
CA GLY D 146 18.42 14.57 -27.40
C GLY D 146 17.10 14.88 -26.73
N HIS D 147 17.09 15.08 -25.41
CA HIS D 147 15.87 15.37 -24.67
C HIS D 147 15.89 16.83 -24.22
N GLU D 148 14.74 17.49 -24.38
CA GLU D 148 14.46 18.84 -23.89
C GLU D 148 14.32 18.83 -22.36
N VAL D 149 15.06 19.71 -21.67
CA VAL D 149 14.96 19.79 -20.22
C VAL D 149 14.61 21.22 -19.80
N VAL D 150 13.55 21.36 -19.01
CA VAL D 150 13.03 22.67 -18.59
C VAL D 150 13.02 22.72 -17.07
N VAL D 151 13.71 23.70 -16.50
CA VAL D 151 13.73 23.91 -15.05
C VAL D 151 12.90 25.16 -14.77
N VAL D 152 11.77 24.98 -14.08
CA VAL D 152 10.84 26.09 -13.85
C VAL D 152 11.13 26.87 -12.57
N ASP D 153 12.03 26.36 -11.71
CA ASP D 153 12.43 27.04 -10.47
C ASP D 153 11.22 27.34 -9.59
N ASP D 154 10.37 26.32 -9.40
CA ASP D 154 9.17 26.45 -8.58
C ASP D 154 9.53 26.55 -7.11
N GLU D 155 9.03 27.58 -6.42
CA GLU D 155 9.43 27.83 -5.04
C GLU D 155 8.77 26.85 -4.06
N ARG D 156 7.55 26.39 -4.37
CA ARG D 156 6.90 25.42 -3.48
C ARG D 156 7.72 24.14 -3.39
N CYS D 157 8.24 23.69 -4.54
CA CYS D 157 9.07 22.49 -4.56
C CYS D 157 10.33 22.71 -3.74
N LYS D 158 11.00 23.84 -3.94
CA LYS D 158 12.21 24.15 -3.18
C LYS D 158 11.93 24.15 -1.69
N LYS D 159 10.84 24.80 -1.28
CA LYS D 159 10.54 24.94 0.14
C LYS D 159 10.31 23.59 0.80
N ILE D 160 9.47 22.75 0.20
CA ILE D 160 9.14 21.48 0.83
C ILE D 160 10.35 20.53 0.83
N MET D 161 11.15 20.56 -0.25
CA MET D 161 12.33 19.71 -0.32
C MET D 161 13.39 20.14 0.69
N LYS D 162 13.64 21.45 0.80
CA LYS D 162 14.62 21.93 1.76
C LYS D 162 14.18 21.61 3.18
N GLN D 163 12.88 21.74 3.46
CA GLN D 163 12.36 21.39 4.79
C GLN D 163 12.67 19.94 5.14
N PHE D 164 12.39 19.02 4.22
CA PHE D 164 12.68 17.61 4.45
C PHE D 164 14.18 17.38 4.64
N ILE D 165 14.99 17.99 3.78
CA ILE D 165 16.45 17.87 3.89
C ILE D 165 16.91 18.35 5.25
N ASP D 166 16.40 19.51 5.69
CA ASP D 166 16.82 20.07 6.96
C ASP D 166 16.47 19.16 8.13
N GLU D 167 15.26 18.60 8.12
CA GLU D 167 14.76 17.83 9.26
C GLU D 167 15.25 16.38 9.26
N ARG D 168 15.50 15.80 8.10
CA ARG D 168 15.83 14.38 7.98
C ARG D 168 16.97 14.19 6.97
N PRO D 169 18.13 14.81 7.20
CA PRO D 169 19.25 14.64 6.28
C PRO D 169 19.81 13.22 6.22
N GLN D 170 19.69 12.43 7.30
CA GLN D 170 20.07 11.02 7.23
C GLN D 170 19.25 10.29 6.17
N ASP D 171 17.93 10.50 6.18
CA ASP D 171 17.04 9.88 5.21
C ASP D 171 17.34 10.37 3.80
N TRP D 172 17.68 11.66 3.69
CA TRP D 172 17.92 12.25 2.38
C TRP D 172 19.13 11.62 1.69
N PHE D 173 20.20 11.38 2.45
CA PHE D 173 21.43 10.87 1.85
C PHE D 173 21.28 9.42 1.39
N GLU D 174 20.42 8.65 2.06
CA GLU D 174 20.16 7.28 1.60
C GLU D 174 19.48 7.27 0.24
N ASP D 175 18.58 8.23 -0.02
CA ASP D 175 17.87 8.24 -1.28
C ASP D 175 18.75 8.61 -2.46
N ILE D 176 19.84 9.34 -2.23
CA ILE D 176 20.74 9.73 -3.31
C ILE D 176 21.87 8.73 -3.50
N GLY D 177 21.78 7.55 -2.88
CA GLY D 177 22.77 6.51 -3.11
C GLY D 177 24.14 6.84 -2.56
N GLU D 178 24.20 7.62 -1.49
CA GLU D 178 25.47 8.04 -0.93
C GLU D 178 25.36 8.32 0.57
ZN ZN E . -10.40 2.57 11.91
ZN ZN F . -21.65 -6.44 11.87
C1 EDO G . -6.15 -0.37 2.52
O1 EDO G . -6.58 1.00 2.53
C2 EDO G . -5.89 -0.79 3.97
O2 EDO G . -5.59 -2.20 4.04
C1 EDO H . -24.57 -9.12 11.12
O1 EDO H . -23.69 -8.19 10.45
C2 EDO H . -24.32 -9.06 12.62
O2 EDO H . -25.16 -8.05 13.19
ZN ZN I . 16.87 -2.36 -17.91
C1 EDO J . 33.13 4.46 -10.19
O1 EDO J . 32.22 5.58 -10.08
C2 EDO J . 32.57 3.25 -9.47
O2 EDO J . 32.15 3.58 -8.14
ZN ZN K . 15.90 9.13 -9.25
C1 EDO L . 15.67 12.47 -7.23
O1 EDO L . 15.67 12.00 -8.58
C2 EDO L . 15.01 11.43 -6.33
O2 EDO L . 15.89 11.11 -5.24
#